data_4EJY
#
_entry.id   4EJY
#
_cell.length_a   56.613
_cell.length_b   102.884
_cell.length_c   67.284
_cell.angle_alpha   90.00
_cell.angle_beta   90.18
_cell.angle_gamma   90.00
#
_symmetry.space_group_name_H-M   'P 1 21 1'
#
loop_
_entity.id
_entity.type
_entity.pdbx_description
1 polymer '3-Methyladenine DNA glycosylase'
2 polymer "DNA (5'-D(*AP*GP*CP*GP*TP*CP*CP*AP*(3DR)P*GP*TP*CP*TP*AP*CP*C)-3')"
3 polymer "DNA (5'-D(*T*GP*GP*TP*AP*GP*AP*CP*CP*TP*GP*GP*AP*CP*GP*C)-3')"
4 non-polymer 'SODIUM ION'
5 water water
#
loop_
_entity_poly.entity_id
_entity_poly.type
_entity_poly.pdbx_seq_one_letter_code
_entity_poly.pdbx_strand_id
1 'polypeptide(L)'
;MRGSHHHHHHGSMRMKYNVEEKGTKVIVRGIADFNLKETFESGQCFRWNEEEDGSYTGVAYDRVVNVKLEGDTLIIDNTN
LTDFYDIWFDYFDLGRDYGQIKESLSKDPVLKEAIKFGQGIRILRQDTWETLVSFIVSQNNRIPQIKKVIENLATSFGNP
IEYKGKIYYTFPKPEELVMYDVETIAKTRCGFRAKYIFDAASKVFSGEINLLKLHEYSTSEIRDILMTINGVGPKVADCV
ILYSIGRYDTFPTDVWIKRIVEHLYLKREGTPVEIQLFAIDKFGDLSGFAQQYLFYYGREMGKKIFGERKK
;
A,B
2 'polydeoxyribonucleotide' (DA)(DG)(DC)(DG)(DT)(DC)(DC)(DA)(3DR)(DG)(DT)(DC)(DT)(DA)(DC)(DC) C,E
3 'polydeoxyribonucleotide' (DT)(DG)(DG)(DT)(DA)(DG)(DA)(DC)(DC)(DT)(DG)(DG)(DA)(DC)(DG)(DC) D,F
#
loop_
_chem_comp.id
_chem_comp.type
_chem_comp.name
_chem_comp.formula
3DR DNA linking 1',2'-DIDEOXYRIBOFURANOSE-5'-PHOSPHATE 'C5 H11 O6 P'
DA DNA linking 2'-DEOXYADENOSINE-5'-MONOPHOSPHATE 'C10 H14 N5 O6 P'
DC DNA linking 2'-DEOXYCYTIDINE-5'-MONOPHOSPHATE 'C9 H14 N3 O7 P'
DG DNA linking 2'-DEOXYGUANOSINE-5'-MONOPHOSPHATE 'C10 H14 N5 O7 P'
DT DNA linking THYMIDINE-5'-MONOPHOSPHATE 'C10 H15 N2 O8 P'
NA non-polymer 'SODIUM ION' 'Na 1'
#
# COMPACT_ATOMS: atom_id res chain seq x y z
N MET A 15 -36.54 11.12 3.32
CA MET A 15 -35.34 11.99 3.38
C MET A 15 -35.28 12.95 2.20
N LYS A 16 -35.08 14.23 2.51
CA LYS A 16 -35.02 15.26 1.48
C LYS A 16 -33.63 15.91 1.43
N TYR A 17 -33.00 15.82 0.26
CA TYR A 17 -31.68 16.40 0.07
C TYR A 17 -31.64 17.44 -1.04
N ASN A 18 -30.63 18.29 -1.00
CA ASN A 18 -30.32 19.17 -2.10
C ASN A 18 -29.03 18.69 -2.76
N VAL A 19 -29.16 18.10 -3.93
CA VAL A 19 -28.03 17.50 -4.62
C VAL A 19 -27.54 18.40 -5.75
N GLU A 20 -26.23 18.63 -5.80
CA GLU A 20 -25.63 19.51 -6.78
C GLU A 20 -24.28 18.96 -7.24
N GLU A 21 -24.02 19.04 -8.55
CA GLU A 21 -22.73 18.64 -9.11
C GLU A 21 -21.82 19.85 -9.33
N LYS A 22 -20.76 19.93 -8.52
CA LYS A 22 -19.77 21.00 -8.58
C LYS A 22 -18.40 20.41 -8.96
N GLY A 23 -17.94 20.71 -10.16
CA GLY A 23 -16.65 20.21 -10.64
C GLY A 23 -16.57 18.69 -10.65
N THR A 24 -15.52 18.14 -10.04
CA THR A 24 -15.32 16.68 -9.99
C THR A 24 -16.06 16.01 -8.82
N LYS A 25 -16.98 16.74 -8.20
CA LYS A 25 -17.66 16.23 -7.01
C LYS A 25 -19.18 16.45 -7.00
N VAL A 26 -19.87 15.66 -6.18
CA VAL A 26 -21.29 15.82 -5.94
C VAL A 26 -21.47 16.25 -4.49
N ILE A 27 -22.32 17.25 -4.27
CA ILE A 27 -22.57 17.81 -2.95
C ILE A 27 -23.99 17.50 -2.51
N VAL A 28 -24.13 16.92 -1.32
CA VAL A 28 -25.43 16.58 -0.76
C VAL A 28 -25.66 17.33 0.54
N ARG A 29 -26.68 18.18 0.58
CA ARG A 29 -27.03 18.92 1.78
C ARG A 29 -28.33 18.41 2.37
N GLY A 30 -28.45 18.50 3.70
CA GLY A 30 -29.59 17.95 4.41
C GLY A 30 -29.30 16.56 4.99
N ILE A 31 -28.01 16.24 5.13
CA ILE A 31 -27.58 14.98 5.74
C ILE A 31 -27.98 14.91 7.22
N ALA A 32 -28.57 13.78 7.61
CA ALA A 32 -28.88 13.51 9.01
C ALA A 32 -28.60 12.05 9.36
N ASP A 33 -28.32 11.79 10.64
CA ASP A 33 -28.12 10.43 11.14
C ASP A 33 -27.02 9.72 10.38
N PHE A 34 -25.91 10.41 10.20
CA PHE A 34 -24.79 9.90 9.41
C PHE A 34 -23.47 10.38 9.97
N ASN A 35 -22.61 9.41 10.32
CA ASN A 35 -21.24 9.70 10.69
C ASN A 35 -20.34 8.70 9.95
N LEU A 36 -19.29 9.21 9.32
CA LEU A 36 -18.43 8.35 8.50
C LEU A 36 -17.68 7.34 9.34
N LYS A 37 -16.96 7.81 10.36
CA LYS A 37 -16.24 6.92 11.25
C LYS A 37 -17.13 5.79 11.80
N GLU A 38 -18.28 6.15 12.36
CA GLU A 38 -19.18 5.17 12.96
C GLU A 38 -19.69 4.14 11.95
N THR A 39 -20.06 4.60 10.77
CA THR A 39 -20.51 3.71 9.70
C THR A 39 -19.38 2.79 9.23
N PHE A 40 -18.22 3.38 8.93
CA PHE A 40 -17.11 2.62 8.35
C PHE A 40 -16.36 1.72 9.33
N GLU A 41 -16.57 1.92 10.63
CA GLU A 41 -15.93 1.08 11.64
C GLU A 41 -16.95 0.27 12.43
N SER A 42 -18.13 0.08 11.85
CA SER A 42 -19.21 -0.64 12.51
C SER A 42 -19.09 -2.16 12.37
N GLY A 43 -18.14 -2.61 11.54
CA GLY A 43 -17.96 -4.04 11.29
C GLY A 43 -18.56 -4.54 9.99
N GLN A 44 -19.21 -3.65 9.26
CA GLN A 44 -19.89 -4.06 8.02
C GLN A 44 -19.01 -4.07 6.77
N CYS A 45 -17.92 -3.30 6.78
CA CYS A 45 -17.17 -3.05 5.56
C CYS A 45 -15.66 -2.99 5.79
N PHE A 46 -14.89 -3.03 4.71
CA PHE A 46 -13.44 -3.25 4.84
C PHE A 46 -12.53 -2.39 3.97
N ARG A 47 -13.09 -1.68 3.01
CA ARG A 47 -12.25 -0.96 2.03
C ARG A 47 -12.30 0.55 2.15
N TRP A 48 -12.87 1.07 3.24
CA TRP A 48 -12.90 2.50 3.46
C TRP A 48 -11.83 2.90 4.46
N ASN A 49 -11.02 3.88 4.10
CA ASN A 49 -9.85 4.26 4.89
C ASN A 49 -9.76 5.76 5.13
N GLU A 50 -9.43 6.14 6.35
CA GLU A 50 -9.44 7.55 6.73
C GLU A 50 -8.26 8.30 6.14
N GLU A 51 -8.53 9.46 5.57
CA GLU A 51 -7.50 10.38 5.10
C GLU A 51 -7.16 11.37 6.21
N GLU A 52 -6.08 12.13 6.03
CA GLU A 52 -5.63 13.09 7.04
C GLU A 52 -6.67 14.15 7.41
N ASP A 53 -7.53 14.53 6.47
CA ASP A 53 -8.57 15.53 6.73
C ASP A 53 -9.84 14.95 7.38
N GLY A 54 -9.81 13.66 7.71
CA GLY A 54 -10.96 13.00 8.32
C GLY A 54 -11.96 12.45 7.31
N SER A 55 -11.75 12.73 6.03
CA SER A 55 -12.55 12.13 4.96
C SER A 55 -12.18 10.66 4.82
N TYR A 56 -12.96 9.91 4.04
CA TYR A 56 -12.68 8.50 3.81
C TYR A 56 -12.64 8.21 2.31
N THR A 57 -11.57 7.56 1.88
CA THR A 57 -11.44 7.08 0.51
C THR A 57 -11.77 5.60 0.48
N GLY A 58 -12.61 5.20 -0.48
CA GLY A 58 -12.98 3.80 -0.61
C GLY A 58 -13.10 3.35 -2.05
N VAL A 59 -12.94 2.04 -2.23
CA VAL A 59 -13.19 1.39 -3.52
C VAL A 59 -14.38 0.44 -3.38
N ALA A 60 -15.44 0.75 -4.12
CA ALA A 60 -16.63 -0.08 -4.21
C ALA A 60 -17.24 0.06 -5.60
N TYR A 61 -17.90 -1.00 -6.08
CA TYR A 61 -18.55 -0.99 -7.39
C TYR A 61 -17.65 -0.47 -8.51
N ASP A 62 -16.40 -0.94 -8.53
CA ASP A 62 -15.41 -0.60 -9.55
C ASP A 62 -15.08 0.90 -9.64
N ARG A 63 -15.32 1.63 -8.55
CA ARG A 63 -15.05 3.07 -8.51
C ARG A 63 -14.23 3.40 -7.27
N VAL A 64 -13.49 4.50 -7.35
CA VAL A 64 -12.81 5.05 -6.18
C VAL A 64 -13.37 6.43 -5.91
N VAL A 65 -13.88 6.65 -4.70
CA VAL A 65 -14.43 7.94 -4.32
C VAL A 65 -13.91 8.38 -2.96
N ASN A 66 -13.92 9.69 -2.74
CA ASN A 66 -13.59 10.23 -1.43
C ASN A 66 -14.83 10.90 -0.85
N VAL A 67 -15.23 10.45 0.33
CA VAL A 67 -16.39 11.01 1.01
C VAL A 67 -15.95 11.83 2.23
N LYS A 68 -16.46 13.06 2.31
CA LYS A 68 -16.18 13.93 3.45
C LYS A 68 -17.49 14.51 3.99
N LEU A 69 -17.63 14.51 5.31
CA LEU A 69 -18.83 15.04 5.93
C LEU A 69 -18.53 16.26 6.81
N GLU A 70 -19.14 17.38 6.44
CA GLU A 70 -18.98 18.64 7.18
C GLU A 70 -20.34 19.09 7.70
N GLY A 71 -20.66 18.67 8.92
CA GLY A 71 -21.99 18.91 9.49
C GLY A 71 -23.05 18.14 8.73
N ASP A 72 -23.96 18.86 8.09
CA ASP A 72 -25.04 18.24 7.31
C ASP A 72 -24.74 18.24 5.81
N THR A 73 -23.47 18.43 5.46
CA THR A 73 -23.05 18.51 4.06
C THR A 73 -22.03 17.42 3.70
N LEU A 74 -22.45 16.51 2.83
CA LEU A 74 -21.60 15.43 2.35
C LEU A 74 -20.97 15.82 1.01
N ILE A 75 -19.64 15.71 0.95
CA ILE A 75 -18.90 15.94 -0.28
C ILE A 75 -18.34 14.61 -0.78
N ILE A 76 -18.82 14.17 -1.94
CA ILE A 76 -18.25 12.99 -2.59
C ILE A 76 -17.40 13.40 -3.78
N ASP A 77 -16.08 13.26 -3.63
CA ASP A 77 -15.14 13.61 -4.68
C ASP A 77 -14.94 12.44 -5.63
N ASN A 78 -14.58 12.77 -6.88
CA ASN A 78 -14.34 11.81 -7.96
C ASN A 78 -15.61 11.11 -8.45
N THR A 79 -16.74 11.78 -8.34
CA THR A 79 -18.00 11.21 -8.81
C THR A 79 -18.81 12.23 -9.62
N ASN A 80 -19.83 11.73 -10.31
CA ASN A 80 -20.75 12.57 -11.06
C ASN A 80 -22.19 12.32 -10.61
N LEU A 81 -23.12 13.08 -11.15
CA LEU A 81 -24.53 12.97 -10.80
C LEU A 81 -25.11 11.60 -11.17
N THR A 82 -24.65 11.04 -12.29
CA THR A 82 -25.11 9.73 -12.77
C THR A 82 -24.68 8.62 -11.79
N ASP A 83 -23.41 8.62 -11.39
CA ASP A 83 -22.91 7.65 -10.42
C ASP A 83 -23.52 7.83 -9.04
N PHE A 84 -23.72 9.08 -8.62
CA PHE A 84 -24.35 9.35 -7.32
C PHE A 84 -25.74 8.73 -7.21
N TYR A 85 -26.57 8.93 -8.23
CA TYR A 85 -27.93 8.40 -8.20
C TYR A 85 -28.00 6.90 -8.47
N ASP A 86 -27.08 6.40 -9.28
CA ASP A 86 -27.02 4.98 -9.65
C ASP A 86 -26.37 4.10 -8.57
N ILE A 87 -25.32 4.61 -7.93
CA ILE A 87 -24.54 3.80 -6.99
C ILE A 87 -24.61 4.30 -5.55
N TRP A 88 -24.16 5.54 -5.34
CA TRP A 88 -23.83 6.03 -3.99
C TRP A 88 -25.03 6.36 -3.11
N PHE A 89 -26.12 6.85 -3.72
CA PHE A 89 -27.35 7.11 -2.96
C PHE A 89 -27.78 5.86 -2.22
N ASP A 90 -27.93 4.76 -2.96
CA ASP A 90 -28.30 3.46 -2.41
C ASP A 90 -27.21 2.88 -1.52
N TYR A 91 -25.95 3.06 -1.91
CA TYR A 91 -24.80 2.54 -1.17
C TYR A 91 -24.78 3.04 0.28
N PHE A 92 -24.98 4.34 0.46
CA PHE A 92 -25.04 4.95 1.78
C PHE A 92 -26.45 4.97 2.36
N ASP A 93 -27.36 4.25 1.70
CA ASP A 93 -28.75 4.08 2.16
C ASP A 93 -29.42 5.41 2.52
N LEU A 94 -29.25 6.41 1.65
CA LEU A 94 -29.65 7.78 1.96
C LEU A 94 -31.17 8.03 2.02
N GLY A 95 -31.96 7.14 1.41
CA GLY A 95 -33.40 7.32 1.35
C GLY A 95 -34.12 7.02 2.66
N ARG A 96 -33.42 6.31 3.56
CA ARG A 96 -34.01 5.82 4.80
C ARG A 96 -33.92 6.82 5.94
N ASP A 97 -34.98 6.89 6.73
CA ASP A 97 -35.04 7.75 7.92
C ASP A 97 -34.55 6.98 9.14
N TYR A 98 -33.27 7.16 9.46
CA TYR A 98 -32.68 6.49 10.63
C TYR A 98 -33.11 7.15 11.95
N GLY A 99 -33.59 8.39 11.86
CA GLY A 99 -34.11 9.11 13.03
C GLY A 99 -35.28 8.37 13.63
N GLN A 100 -36.19 7.95 12.75
CA GLN A 100 -37.35 7.14 13.13
C GLN A 100 -36.91 5.79 13.70
N ILE A 101 -35.94 5.17 13.03
CA ILE A 101 -35.40 3.87 13.47
C ILE A 101 -34.87 3.96 14.90
N LYS A 102 -34.06 4.98 15.18
CA LYS A 102 -33.49 5.18 16.50
C LYS A 102 -34.57 5.46 17.55
N GLU A 103 -35.57 6.26 17.18
CA GLU A 103 -36.68 6.56 18.10
C GLU A 103 -37.43 5.29 18.48
N SER A 104 -37.78 4.48 17.48
CA SER A 104 -38.44 3.20 17.72
C SER A 104 -37.61 2.28 18.61
N LEU A 105 -36.32 2.14 18.29
CA LEU A 105 -35.43 1.27 19.05
C LEU A 105 -35.13 1.76 20.47
N SER A 106 -35.15 3.07 20.65
CA SER A 106 -34.80 3.68 21.95
C SER A 106 -35.84 3.42 23.06
N LYS A 107 -36.93 2.77 22.69
CA LYS A 107 -37.94 2.32 23.65
C LYS A 107 -37.39 1.16 24.48
N ASP A 108 -36.30 0.58 24.00
CA ASP A 108 -35.51 -0.36 24.77
C ASP A 108 -34.39 0.44 25.40
N PRO A 109 -34.29 0.41 26.74
CA PRO A 109 -33.25 1.16 27.46
C PRO A 109 -31.84 0.77 27.03
N VAL A 110 -31.64 -0.53 26.76
CA VAL A 110 -30.34 -1.05 26.33
C VAL A 110 -29.89 -0.42 25.00
N LEU A 111 -30.81 -0.36 24.04
CA LEU A 111 -30.54 0.26 22.74
C LEU A 111 -30.38 1.77 22.80
N LYS A 112 -31.20 2.42 23.62
CA LYS A 112 -31.11 3.87 23.79
C LYS A 112 -29.70 4.29 24.21
N GLU A 113 -29.12 3.52 25.15
CA GLU A 113 -27.77 3.76 25.61
C GLU A 113 -26.74 3.51 24.50
N ALA A 114 -26.92 2.41 23.78
CA ALA A 114 -26.02 2.04 22.68
C ALA A 114 -26.06 3.08 21.56
N ILE A 115 -27.26 3.58 21.27
CA ILE A 115 -27.47 4.53 20.18
C ILE A 115 -26.73 5.86 20.37
N LYS A 116 -26.58 6.30 21.62
CA LYS A 116 -25.92 7.60 21.86
C LYS A 116 -24.46 7.64 21.40
N PHE A 117 -23.83 6.46 21.32
CA PHE A 117 -22.44 6.34 20.84
C PHE A 117 -22.33 6.08 19.33
N GLY A 118 -23.44 5.70 18.69
CA GLY A 118 -23.44 5.39 17.27
C GLY A 118 -24.62 5.98 16.52
N GLN A 119 -24.90 7.26 16.78
CA GLN A 119 -26.06 7.94 16.19
C GLN A 119 -26.01 8.03 14.67
N GLY A 120 -24.80 8.01 14.11
CA GLY A 120 -24.63 8.13 12.68
C GLY A 120 -24.33 6.85 11.92
N ILE A 121 -24.63 5.69 12.51
CA ILE A 121 -24.44 4.42 11.80
C ILE A 121 -25.55 4.21 10.78
N ARG A 122 -25.17 4.04 9.51
CA ARG A 122 -26.10 3.58 8.49
C ARG A 122 -25.61 2.26 7.94
N ILE A 123 -26.55 1.42 7.52
CA ILE A 123 -26.20 0.13 6.94
C ILE A 123 -26.00 0.31 5.44
N LEU A 124 -24.75 0.15 5.00
CA LEU A 124 -24.40 0.26 3.60
C LEU A 124 -25.06 -0.86 2.78
N ARG A 125 -25.43 -0.56 1.54
CA ARG A 125 -25.93 -1.56 0.61
C ARG A 125 -24.82 -1.87 -0.38
N GLN A 126 -24.06 -2.92 -0.06
CA GLN A 126 -22.83 -3.23 -0.78
C GLN A 126 -23.07 -4.26 -1.89
N ASP A 127 -22.13 -4.35 -2.82
CA ASP A 127 -22.16 -5.35 -3.87
C ASP A 127 -22.22 -6.76 -3.28
N THR A 128 -23.06 -7.60 -3.86
CA THR A 128 -23.28 -8.97 -3.40
C THR A 128 -22.02 -9.84 -3.45
N TRP A 129 -21.35 -9.86 -4.60
CA TRP A 129 -20.13 -10.65 -4.74
C TRP A 129 -19.06 -10.22 -3.75
N GLU A 130 -18.78 -8.92 -3.69
CA GLU A 130 -17.73 -8.44 -2.79
C GLU A 130 -18.05 -8.75 -1.33
N THR A 131 -19.30 -8.53 -0.93
CA THR A 131 -19.75 -8.85 0.42
C THR A 131 -19.55 -10.33 0.72
N LEU A 132 -19.92 -11.18 -0.24
CA LEU A 132 -19.79 -12.62 -0.10
C LEU A 132 -18.35 -13.03 0.20
N VAL A 133 -17.41 -12.62 -0.65
CA VAL A 133 -16.01 -12.99 -0.49
C VAL A 133 -15.43 -12.36 0.78
N SER A 134 -15.78 -11.09 1.03
CA SER A 134 -15.28 -10.39 2.20
C SER A 134 -15.61 -11.12 3.49
N PHE A 135 -16.84 -11.61 3.61
CA PHE A 135 -17.21 -12.33 4.82
C PHE A 135 -16.76 -13.78 4.83
N ILE A 136 -16.54 -14.36 3.65
CA ILE A 136 -15.82 -15.63 3.59
C ILE A 136 -14.45 -15.44 4.23
N VAL A 137 -13.76 -14.38 3.85
CA VAL A 137 -12.45 -14.03 4.40
C VAL A 137 -12.53 -13.82 5.92
N SER A 138 -13.64 -13.27 6.38
CA SER A 138 -13.80 -12.87 7.79
C SER A 138 -13.87 -14.01 8.80
N GLN A 139 -14.22 -15.23 8.35
CA GLN A 139 -14.43 -16.34 9.29
C GLN A 139 -13.17 -16.68 10.09
N ASN A 140 -13.34 -16.87 11.40
CA ASN A 140 -12.23 -17.19 12.30
C ASN A 140 -11.02 -16.26 12.11
N ASN A 141 -11.29 -14.97 11.90
CA ASN A 141 -10.27 -14.00 11.53
C ASN A 141 -10.48 -12.67 12.25
N ARG A 142 -9.40 -11.92 12.47
CA ARG A 142 -9.48 -10.59 13.07
C ARG A 142 -9.58 -9.52 11.99
N ILE A 143 -10.26 -8.41 12.31
CA ILE A 143 -10.50 -7.32 11.36
C ILE A 143 -9.26 -6.77 10.62
N PRO A 144 -8.19 -6.40 11.35
CA PRO A 144 -7.00 -5.91 10.64
C PRO A 144 -6.53 -6.87 9.55
N GLN A 145 -6.53 -8.17 9.85
CA GLN A 145 -6.11 -9.19 8.88
C GLN A 145 -7.09 -9.34 7.71
N ILE A 146 -8.38 -9.26 7.99
CA ILE A 146 -9.41 -9.32 6.95
C ILE A 146 -9.18 -8.21 5.91
N LYS A 147 -8.93 -7.00 6.41
CA LYS A 147 -8.66 -5.84 5.55
C LYS A 147 -7.42 -6.01 4.67
N LYS A 148 -6.38 -6.63 5.23
CA LYS A 148 -5.15 -6.85 4.49
C LYS A 148 -5.34 -7.88 3.37
N VAL A 149 -6.06 -8.96 3.69
CA VAL A 149 -6.38 -10.00 2.71
C VAL A 149 -7.24 -9.46 1.57
N ILE A 150 -8.26 -8.65 1.91
CA ILE A 150 -9.14 -8.07 0.90
C ILE A 150 -8.38 -7.11 -0.04
N GLU A 151 -7.50 -6.30 0.54
CA GLU A 151 -6.65 -5.41 -0.26
C GLU A 151 -5.66 -6.19 -1.14
N ASN A 152 -5.15 -7.31 -0.62
CA ASN A 152 -4.31 -8.24 -1.39
C ASN A 152 -5.03 -8.86 -2.58
N LEU A 153 -6.30 -9.23 -2.37
CA LEU A 153 -7.13 -9.77 -3.44
C LEU A 153 -7.35 -8.74 -4.55
N ALA A 154 -7.58 -7.50 -4.15
CA ALA A 154 -7.76 -6.39 -5.10
C ALA A 154 -6.47 -6.04 -5.85
N THR A 155 -5.36 -5.91 -5.12
CA THR A 155 -4.07 -5.60 -5.74
C THR A 155 -3.62 -6.72 -6.69
N SER A 156 -3.70 -7.97 -6.22
CA SER A 156 -3.28 -9.12 -7.02
C SER A 156 -4.18 -9.40 -8.23
N PHE A 157 -5.49 -9.30 -8.06
CA PHE A 157 -6.43 -9.81 -9.06
C PHE A 157 -7.37 -8.77 -9.69
N GLY A 158 -7.44 -7.58 -9.09
CA GLY A 158 -8.37 -6.56 -9.56
C GLY A 158 -7.83 -5.67 -10.65
N ASN A 159 -8.58 -4.63 -10.98
CA ASN A 159 -8.24 -3.68 -12.04
C ASN A 159 -7.83 -2.32 -11.50
N PRO A 160 -6.76 -1.73 -12.07
CA PRO A 160 -6.26 -0.41 -11.66
C PRO A 160 -7.21 0.74 -12.03
N ILE A 161 -7.45 1.63 -11.07
CA ILE A 161 -8.18 2.88 -11.28
C ILE A 161 -7.43 3.97 -10.51
N GLU A 162 -7.45 5.20 -11.02
CA GLU A 162 -6.63 6.25 -10.41
C GLU A 162 -7.41 7.46 -9.90
N TYR A 163 -6.94 7.99 -8.78
CA TYR A 163 -7.53 9.13 -8.13
C TYR A 163 -6.43 9.90 -7.42
N LYS A 164 -6.30 11.18 -7.79
CA LYS A 164 -5.24 12.06 -7.27
C LYS A 164 -3.83 11.46 -7.35
N GLY A 165 -3.52 10.85 -8.50
CA GLY A 165 -2.19 10.32 -8.77
C GLY A 165 -1.87 8.96 -8.18
N LYS A 166 -2.78 8.44 -7.36
CA LYS A 166 -2.58 7.15 -6.70
C LYS A 166 -3.44 6.06 -7.36
N ILE A 167 -2.86 4.87 -7.52
CA ILE A 167 -3.55 3.75 -8.13
C ILE A 167 -4.28 2.91 -7.08
N TYR A 168 -5.59 2.76 -7.30
CA TYR A 168 -6.43 1.89 -6.47
C TYR A 168 -6.86 0.70 -7.31
N TYR A 169 -7.30 -0.36 -6.65
CA TYR A 169 -7.66 -1.60 -7.35
C TYR A 169 -9.08 -2.05 -7.03
N THR A 170 -9.85 -2.33 -8.09
CA THR A 170 -11.20 -2.87 -7.96
C THR A 170 -11.15 -4.24 -7.30
N PHE A 171 -12.25 -4.62 -6.64
CA PHE A 171 -12.36 -5.96 -6.10
C PHE A 171 -12.56 -6.95 -7.25
N PRO A 172 -11.79 -8.05 -7.27
CA PRO A 172 -11.84 -9.00 -8.38
C PRO A 172 -13.18 -9.72 -8.52
N LYS A 173 -13.72 -9.72 -9.74
CA LYS A 173 -14.94 -10.45 -10.07
C LYS A 173 -14.66 -11.96 -10.19
N PRO A 174 -15.71 -12.80 -10.15
CA PRO A 174 -15.49 -14.25 -10.28
C PRO A 174 -14.70 -14.61 -11.54
N GLU A 175 -14.98 -13.92 -12.64
CA GLU A 175 -14.29 -14.16 -13.92
C GLU A 175 -12.81 -13.78 -13.87
N GLU A 176 -12.44 -12.94 -12.91
CA GLU A 176 -11.05 -12.52 -12.72
C GLU A 176 -10.33 -13.37 -11.67
N LEU A 177 -10.99 -14.42 -11.20
CA LEU A 177 -10.41 -15.33 -10.20
C LEU A 177 -10.27 -16.79 -10.65
N VAL A 178 -11.16 -17.23 -11.53
CA VAL A 178 -11.27 -18.66 -11.91
C VAL A 178 -10.03 -19.29 -12.58
N MET A 179 -9.21 -18.47 -13.25
CA MET A 179 -8.04 -19.00 -13.95
CA MET A 179 -8.02 -18.97 -13.95
C MET A 179 -6.86 -19.28 -13.01
N TYR A 180 -7.01 -18.91 -11.74
CA TYR A 180 -5.95 -19.14 -10.77
C TYR A 180 -6.22 -20.38 -9.90
N ASP A 181 -5.14 -21.05 -9.52
CA ASP A 181 -5.19 -22.19 -8.62
C ASP A 181 -5.33 -21.71 -7.18
N VAL A 182 -5.74 -22.62 -6.30
CA VAL A 182 -5.88 -22.30 -4.87
C VAL A 182 -4.64 -21.66 -4.26
N GLU A 183 -3.47 -22.18 -4.61
CA GLU A 183 -2.21 -21.70 -4.03
C GLU A 183 -1.90 -20.25 -4.43
N THR A 184 -2.26 -19.88 -5.67
CA THR A 184 -2.16 -18.50 -6.14
C THR A 184 -3.08 -17.58 -5.32
N ILE A 185 -4.31 -18.03 -5.10
CA ILE A 185 -5.27 -17.28 -4.28
C ILE A 185 -4.75 -17.16 -2.84
N ALA A 186 -4.15 -18.23 -2.34
CA ALA A 186 -3.60 -18.29 -0.98
C ALA A 186 -2.47 -17.30 -0.71
N LYS A 187 -1.85 -16.77 -1.77
CA LYS A 187 -0.78 -15.77 -1.64
C LYS A 187 -1.28 -14.45 -1.03
N THR A 188 -2.61 -14.27 -1.04
CA THR A 188 -3.24 -13.10 -0.43
C THR A 188 -3.23 -13.16 1.09
N ARG A 189 -2.74 -14.28 1.63
CA ARG A 189 -2.62 -14.53 3.08
C ARG A 189 -3.95 -14.96 3.73
N CYS A 190 -4.88 -15.42 2.89
CA CYS A 190 -6.21 -15.85 3.35
C CYS A 190 -6.23 -17.25 3.97
N GLY A 191 -5.10 -17.96 3.92
CA GLY A 191 -4.97 -19.27 4.57
C GLY A 191 -5.92 -20.34 4.03
N PHE A 192 -6.46 -21.17 4.94
CA PHE A 192 -7.40 -22.24 4.57
C PHE A 192 -8.67 -21.76 3.84
N ARG A 193 -8.90 -20.44 3.84
CA ARG A 193 -10.06 -19.86 3.18
C ARG A 193 -9.90 -19.77 1.66
N ALA A 194 -8.69 -19.99 1.15
CA ALA A 194 -8.44 -19.98 -0.29
C ALA A 194 -9.38 -20.91 -1.07
N LYS A 195 -9.57 -22.12 -0.58
CA LYS A 195 -10.48 -23.08 -1.23
C LYS A 195 -11.93 -22.62 -1.20
N TYR A 196 -12.28 -21.80 -0.20
CA TYR A 196 -13.62 -21.26 -0.10
C TYR A 196 -13.85 -20.17 -1.16
N ILE A 197 -12.86 -19.28 -1.31
CA ILE A 197 -12.88 -18.27 -2.35
C ILE A 197 -12.90 -18.95 -3.74
N PHE A 198 -12.07 -19.98 -3.91
CA PHE A 198 -12.03 -20.77 -5.15
C PHE A 198 -13.42 -21.32 -5.52
N ASP A 199 -14.07 -21.96 -4.55
CA ASP A 199 -15.39 -22.56 -4.75
C ASP A 199 -16.45 -21.51 -5.07
N ALA A 200 -16.41 -20.39 -4.34
CA ALA A 200 -17.36 -19.29 -4.56
C ALA A 200 -17.23 -18.72 -5.97
N ALA A 201 -15.99 -18.52 -6.42
CA ALA A 201 -15.73 -18.00 -7.75
C ALA A 201 -16.26 -18.95 -8.81
N SER A 202 -15.99 -20.24 -8.63
CA SER A 202 -16.41 -21.29 -9.58
C SER A 202 -17.93 -21.37 -9.72
N LYS A 203 -18.64 -21.37 -8.59
CA LYS A 203 -20.09 -21.53 -8.58
C LYS A 203 -20.83 -20.33 -9.14
N VAL A 204 -20.29 -19.13 -8.90
CA VAL A 204 -20.88 -17.91 -9.47
C VAL A 204 -20.55 -17.80 -10.96
N PHE A 205 -19.29 -18.07 -11.31
CA PHE A 205 -18.82 -17.96 -12.70
C PHE A 205 -19.62 -18.87 -13.66
N SER A 206 -19.95 -20.06 -13.18
CA SER A 206 -20.67 -21.04 -13.98
C SER A 206 -22.16 -20.70 -14.07
N GLY A 207 -22.61 -19.77 -13.23
CA GLY A 207 -24.03 -19.38 -13.21
C GLY A 207 -24.87 -20.28 -12.33
N GLU A 208 -24.23 -21.23 -11.65
CA GLU A 208 -24.90 -22.12 -10.69
C GLU A 208 -25.55 -21.33 -9.54
N ILE A 209 -24.86 -20.30 -9.08
CA ILE A 209 -25.43 -19.34 -8.15
C ILE A 209 -25.53 -18.00 -8.88
N ASN A 210 -26.76 -17.51 -9.04
CA ASN A 210 -27.02 -16.24 -9.72
C ASN A 210 -27.23 -15.13 -8.69
N LEU A 211 -26.26 -14.24 -8.60
CA LEU A 211 -26.29 -13.20 -7.57
C LEU A 211 -27.27 -12.07 -7.90
N LEU A 212 -27.51 -11.81 -9.18
CA LEU A 212 -28.45 -10.78 -9.61
C LEU A 212 -29.91 -11.11 -9.29
N LYS A 213 -30.24 -12.40 -9.29
CA LYS A 213 -31.62 -12.85 -9.11
C LYS A 213 -31.87 -13.29 -7.67
N LEU A 214 -30.82 -13.27 -6.86
CA LEU A 214 -30.89 -13.72 -5.47
C LEU A 214 -32.01 -13.06 -4.66
N HIS A 215 -32.22 -11.76 -4.89
CA HIS A 215 -33.24 -10.98 -4.16
C HIS A 215 -34.68 -11.44 -4.42
N GLU A 216 -34.89 -12.16 -5.51
CA GLU A 216 -36.22 -12.71 -5.85
C GLU A 216 -36.65 -13.83 -4.91
N TYR A 217 -35.71 -14.37 -4.15
CA TYR A 217 -35.98 -15.48 -3.24
C TYR A 217 -36.25 -15.02 -1.82
N SER A 218 -36.88 -15.88 -1.02
CA SER A 218 -37.07 -15.61 0.40
C SER A 218 -35.72 -15.68 1.11
N THR A 219 -35.66 -15.12 2.31
CA THR A 219 -34.42 -15.10 3.11
C THR A 219 -33.89 -16.51 3.40
N SER A 220 -34.79 -17.43 3.73
CA SER A 220 -34.43 -18.83 3.94
C SER A 220 -33.87 -19.47 2.68
N GLU A 221 -34.48 -19.17 1.53
CA GLU A 221 -34.01 -19.65 0.24
C GLU A 221 -32.61 -19.11 -0.09
N ILE A 222 -32.41 -17.81 0.11
CA ILE A 222 -31.10 -17.17 -0.11
C ILE A 222 -30.02 -17.85 0.74
N ARG A 223 -30.30 -17.98 2.03
CA ARG A 223 -29.45 -18.70 2.97
C ARG A 223 -28.99 -20.05 2.42
N ASP A 224 -29.95 -20.85 1.95
CA ASP A 224 -29.66 -22.19 1.43
C ASP A 224 -28.83 -22.17 0.15
N ILE A 225 -29.12 -21.23 -0.75
CA ILE A 225 -28.36 -21.09 -1.98
C ILE A 225 -26.89 -20.76 -1.65
N LEU A 226 -26.69 -19.73 -0.83
CA LEU A 226 -25.34 -19.27 -0.48
C LEU A 226 -24.54 -20.33 0.26
N MET A 227 -25.21 -21.06 1.17
CA MET A 227 -24.54 -22.09 1.97
C MET A 227 -24.10 -23.34 1.18
N THR A 228 -24.47 -23.42 -0.09
CA THR A 228 -23.96 -24.51 -0.95
C THR A 228 -22.45 -24.33 -1.23
N ILE A 229 -21.98 -23.09 -1.15
CA ILE A 229 -20.56 -22.78 -1.30
C ILE A 229 -19.77 -23.32 -0.12
N ASN A 230 -18.71 -24.07 -0.41
CA ASN A 230 -17.81 -24.51 0.66
C ASN A 230 -17.21 -23.30 1.36
N GLY A 231 -17.42 -23.21 2.67
CA GLY A 231 -16.91 -22.10 3.47
C GLY A 231 -17.95 -21.05 3.84
N VAL A 232 -19.14 -21.17 3.27
CA VAL A 232 -20.25 -20.27 3.62
C VAL A 232 -21.21 -21.00 4.55
N GLY A 233 -21.29 -20.54 5.79
CA GLY A 233 -22.25 -21.07 6.74
C GLY A 233 -23.32 -20.03 7.04
N PRO A 234 -24.06 -20.21 8.15
CA PRO A 234 -25.15 -19.30 8.53
C PRO A 234 -24.74 -17.83 8.66
N LYS A 235 -23.61 -17.57 9.31
CA LYS A 235 -23.15 -16.22 9.56
C LYS A 235 -22.78 -15.47 8.27
N VAL A 236 -21.95 -16.09 7.42
CA VAL A 236 -21.56 -15.46 6.15
C VAL A 236 -22.80 -15.18 5.31
N ALA A 237 -23.71 -16.16 5.23
CA ALA A 237 -24.96 -16.01 4.50
C ALA A 237 -25.80 -14.83 5.02
N ASP A 238 -25.94 -14.73 6.34
CA ASP A 238 -26.71 -13.64 6.97
C ASP A 238 -26.06 -12.28 6.73
N CYS A 239 -24.73 -12.24 6.75
CA CYS A 239 -23.99 -11.01 6.43
C CYS A 239 -24.25 -10.54 5.00
N VAL A 240 -24.26 -11.48 4.06
CA VAL A 240 -24.62 -11.14 2.68
C VAL A 240 -26.06 -10.63 2.61
N ILE A 241 -26.95 -11.32 3.32
CA ILE A 241 -28.38 -10.99 3.34
C ILE A 241 -28.64 -9.58 3.91
N LEU A 242 -27.96 -9.25 5.01
CA LEU A 242 -28.12 -7.93 5.63
C LEU A 242 -27.39 -6.82 4.87
N TYR A 243 -26.11 -7.04 4.61
CA TYR A 243 -25.23 -5.99 4.11
C TYR A 243 -25.31 -5.78 2.61
N SER A 244 -25.90 -6.74 1.89
CA SER A 244 -26.00 -6.62 0.44
C SER A 244 -27.44 -6.70 -0.09
N ILE A 245 -28.24 -7.61 0.44
CA ILE A 245 -29.62 -7.78 -0.03
C ILE A 245 -30.55 -6.78 0.66
N GLY A 246 -30.21 -6.40 1.89
CA GLY A 246 -30.97 -5.40 2.63
C GLY A 246 -32.21 -5.94 3.31
N ARG A 247 -32.13 -7.17 3.81
CA ARG A 247 -33.21 -7.75 4.59
C ARG A 247 -32.93 -7.43 6.06
N TYR A 248 -33.64 -6.44 6.60
CA TYR A 248 -33.33 -5.90 7.91
C TYR A 248 -33.93 -6.68 9.09
N ASP A 249 -34.86 -7.58 8.80
CA ASP A 249 -35.37 -8.50 9.81
C ASP A 249 -34.44 -9.69 10.04
N THR A 250 -33.13 -9.41 10.04
CA THR A 250 -32.10 -10.41 10.28
C THR A 250 -31.17 -9.92 11.39
N PHE A 251 -30.46 -10.85 12.02
CA PHE A 251 -29.56 -10.54 13.13
C PHE A 251 -28.34 -11.45 13.09
N PRO A 252 -27.33 -11.10 12.27
CA PRO A 252 -26.12 -11.91 12.14
C PRO A 252 -25.41 -12.05 13.48
N THR A 253 -25.27 -13.29 13.95
CA THR A 253 -24.71 -13.54 15.27
C THR A 253 -23.25 -13.98 15.22
N ASP A 254 -22.36 -13.05 15.57
CA ASP A 254 -20.97 -13.36 15.77
C ASP A 254 -20.71 -13.62 17.25
N VAL A 255 -19.46 -13.92 17.60
CA VAL A 255 -19.09 -14.21 18.98
C VAL A 255 -19.22 -12.97 19.88
N TRP A 256 -19.03 -11.78 19.29
CA TRP A 256 -19.17 -10.53 20.03
C TRP A 256 -20.61 -10.22 20.38
N ILE A 257 -21.51 -10.24 19.39
CA ILE A 257 -22.91 -9.93 19.62
C ILE A 257 -23.57 -10.97 20.56
N LYS A 258 -23.05 -12.19 20.53
CA LYS A 258 -23.48 -13.25 21.43
C LYS A 258 -23.20 -12.83 22.87
N ARG A 259 -21.95 -12.48 23.14
CA ARG A 259 -21.49 -12.06 24.47
C ARG A 259 -22.12 -10.73 24.91
N ILE A 260 -22.35 -9.85 23.93
CA ILE A 260 -23.00 -8.56 24.18
C ILE A 260 -24.45 -8.75 24.65
N VAL A 261 -25.22 -9.54 23.89
CA VAL A 261 -26.62 -9.82 24.23
C VAL A 261 -26.71 -10.59 25.55
N GLU A 262 -25.79 -11.54 25.77
CA GLU A 262 -25.70 -12.31 27.01
C GLU A 262 -25.54 -11.40 28.22
N HIS A 263 -24.60 -10.46 28.14
CA HIS A 263 -24.29 -9.55 29.23
C HIS A 263 -25.41 -8.55 29.50
N LEU A 264 -25.96 -7.98 28.42
CA LEU A 264 -26.91 -6.86 28.53
C LEU A 264 -28.38 -7.26 28.63
N TYR A 265 -28.75 -8.41 28.08
CA TYR A 265 -30.16 -8.84 28.08
C TYR A 265 -30.42 -10.10 28.91
N LEU A 266 -29.73 -11.19 28.55
CA LEU A 266 -30.09 -12.53 29.05
C LEU A 266 -29.60 -12.85 30.45
N LYS A 267 -28.45 -12.28 30.84
CA LYS A 267 -27.81 -12.52 32.14
C LYS A 267 -27.44 -13.99 32.36
N ARG A 268 -27.27 -14.71 31.25
CA ARG A 268 -26.89 -16.13 31.26
C ARG A 268 -26.25 -16.47 29.92
N GLU A 269 -25.55 -17.59 29.85
CA GLU A 269 -24.92 -18.04 28.61
C GLU A 269 -25.94 -18.60 27.61
N GLY A 270 -25.55 -18.59 26.34
CA GLY A 270 -26.40 -19.10 25.26
C GLY A 270 -25.65 -19.35 23.96
N THR A 271 -26.25 -20.16 23.09
CA THR A 271 -25.69 -20.42 21.76
C THR A 271 -25.97 -19.24 20.83
N PRO A 272 -25.16 -19.06 19.77
CA PRO A 272 -25.42 -18.02 18.77
C PRO A 272 -26.84 -18.06 18.21
N VAL A 273 -27.43 -19.25 18.14
CA VAL A 273 -28.78 -19.44 17.60
C VAL A 273 -29.87 -18.84 18.50
N GLU A 274 -29.79 -19.09 19.80
CA GLU A 274 -30.79 -18.58 20.74
C GLU A 274 -30.68 -17.07 20.97
N ILE A 275 -29.46 -16.54 20.89
CA ILE A 275 -29.23 -15.10 20.86
C ILE A 275 -29.99 -14.49 19.68
N GLN A 276 -29.87 -15.16 18.53
CA GLN A 276 -30.45 -14.71 17.26
C GLN A 276 -31.96 -14.56 17.30
N LEU A 277 -32.67 -15.64 17.65
CA LEU A 277 -34.13 -15.62 17.65
C LEU A 277 -34.75 -14.72 18.72
N PHE A 278 -34.04 -14.52 19.83
CA PHE A 278 -34.43 -13.55 20.86
C PHE A 278 -34.45 -12.15 20.29
N ALA A 279 -33.38 -11.77 19.60
CA ALA A 279 -33.22 -10.43 19.02
C ALA A 279 -34.25 -10.14 17.93
N ILE A 280 -34.43 -11.08 17.01
CA ILE A 280 -35.40 -10.94 15.92
C ILE A 280 -36.83 -10.83 16.43
N ASP A 281 -37.11 -11.51 17.55
CA ASP A 281 -38.41 -11.42 18.21
C ASP A 281 -38.63 -10.02 18.78
N LYS A 282 -37.64 -9.52 19.51
CA LYS A 282 -37.71 -8.22 20.18
C LYS A 282 -37.66 -7.02 19.22
N PHE A 283 -36.87 -7.12 18.15
CA PHE A 283 -36.61 -5.97 17.27
C PHE A 283 -37.35 -6.01 15.93
N GLY A 284 -37.73 -7.20 15.47
CA GLY A 284 -38.50 -7.35 14.24
C GLY A 284 -37.78 -6.88 12.98
N ASP A 285 -38.45 -6.01 12.23
CA ASP A 285 -37.92 -5.48 10.97
C ASP A 285 -36.77 -4.48 11.15
N LEU A 286 -36.39 -4.20 12.41
CA LEU A 286 -35.30 -3.27 12.70
C LEU A 286 -34.11 -3.99 13.35
N SER A 287 -34.13 -5.31 13.33
CA SER A 287 -33.11 -6.13 14.00
C SER A 287 -31.70 -5.83 13.49
N GLY A 288 -31.57 -5.66 12.18
CA GLY A 288 -30.28 -5.39 11.55
C GLY A 288 -29.69 -4.07 11.99
N PHE A 289 -30.55 -3.08 12.22
CA PHE A 289 -30.10 -1.79 12.72
C PHE A 289 -29.67 -1.91 14.18
N ALA A 290 -30.51 -2.56 14.99
CA ALA A 290 -30.18 -2.85 16.39
C ALA A 290 -28.82 -3.51 16.53
N GLN A 291 -28.54 -4.50 15.66
CA GLN A 291 -27.27 -5.22 15.68
C GLN A 291 -26.07 -4.28 15.49
N GLN A 292 -26.18 -3.35 14.54
CA GLN A 292 -25.11 -2.38 14.29
C GLN A 292 -24.83 -1.50 15.50
N TYR A 293 -25.90 -0.98 16.11
CA TYR A 293 -25.76 -0.12 17.30
C TYR A 293 -25.09 -0.86 18.46
N LEU A 294 -25.54 -2.08 18.71
CA LEU A 294 -24.97 -2.91 19.77
C LEU A 294 -23.49 -3.22 19.54
N PHE A 295 -23.12 -3.36 18.27
CA PHE A 295 -21.76 -3.72 17.88
C PHE A 295 -20.77 -2.59 18.12
N TYR A 296 -21.11 -1.40 17.64
CA TYR A 296 -20.25 -0.23 17.84
C TYR A 296 -20.19 0.15 19.31
N TYR A 297 -21.28 -0.11 20.03
CA TYR A 297 -21.33 0.11 21.48
C TYR A 297 -20.41 -0.86 22.22
N GLY A 298 -20.46 -2.13 21.83
CA GLY A 298 -19.59 -3.17 22.39
C GLY A 298 -18.10 -2.89 22.19
N ARG A 299 -17.77 -2.32 21.03
CA ARG A 299 -16.39 -1.94 20.71
C ARG A 299 -15.98 -0.66 21.43
N GLU A 300 -16.96 0.19 21.71
CA GLU A 300 -16.75 1.42 22.49
C GLU A 300 -16.44 1.09 23.96
N MET A 301 -17.22 0.16 24.53
CA MET A 301 -17.07 -0.23 25.94
C MET A 301 -15.87 -1.15 26.15
N GLY A 302 -15.59 -2.00 25.16
CA GLY A 302 -14.55 -3.00 25.26
C GLY A 302 -15.05 -4.23 25.99
N LYS A 303 -15.12 -4.15 27.32
CA LYS A 303 -15.65 -5.22 28.16
C LYS A 303 -16.47 -4.65 29.32
N ARG B 14 5.51 19.68 -7.93
CA ARG B 14 6.81 19.54 -8.64
C ARG B 14 7.67 20.78 -8.44
N MET B 15 8.96 20.56 -8.18
CA MET B 15 9.93 21.64 -7.95
C MET B 15 10.27 22.37 -9.25
N LYS B 16 10.51 23.67 -9.14
CA LYS B 16 10.90 24.49 -10.27
C LYS B 16 12.24 25.17 -10.00
N TYR B 17 13.09 25.21 -11.01
CA TYR B 17 14.44 25.76 -10.86
C TYR B 17 14.80 26.73 -11.99
N ASN B 18 15.69 27.66 -11.69
CA ASN B 18 16.39 28.42 -12.71
C ASN B 18 17.67 27.67 -13.07
N VAL B 19 17.78 27.28 -14.34
CA VAL B 19 18.88 26.44 -14.80
C VAL B 19 19.71 27.20 -15.85
N GLU B 20 21.03 27.17 -15.69
CA GLU B 20 21.94 27.85 -16.60
C GLU B 20 23.12 26.98 -16.99
N GLU B 21 23.40 26.89 -18.28
CA GLU B 21 24.64 26.29 -18.76
C GLU B 21 25.70 27.37 -18.88
N LYS B 22 26.79 27.22 -18.14
CA LYS B 22 27.89 28.19 -18.16
C LYS B 22 29.21 27.45 -18.32
N GLY B 23 29.77 27.53 -19.53
CA GLY B 23 31.00 26.81 -19.85
C GLY B 23 30.77 25.31 -19.86
N THR B 24 31.62 24.58 -19.13
CA THR B 24 31.52 23.11 -19.06
C THR B 24 30.64 22.62 -17.91
N LYS B 25 29.83 23.51 -17.34
CA LYS B 25 28.98 23.14 -16.21
C LYS B 25 27.55 23.65 -16.28
N VAL B 26 26.66 22.97 -15.55
CA VAL B 26 25.26 23.37 -15.44
C VAL B 26 24.96 23.86 -14.02
N ILE B 27 24.34 25.03 -13.94
CA ILE B 27 24.06 25.69 -12.67
C ILE B 27 22.56 25.63 -12.40
N VAL B 28 22.19 25.10 -11.23
CA VAL B 28 20.79 24.94 -10.84
C VAL B 28 20.48 25.73 -9.57
N ARG B 29 19.64 26.74 -9.69
CA ARG B 29 19.28 27.60 -8.56
C ARG B 29 17.87 27.29 -8.06
N GLY B 30 17.68 27.37 -6.75
CA GLY B 30 16.40 27.05 -6.12
C GLY B 30 16.40 25.70 -5.43
N ILE B 31 17.60 25.12 -5.25
CA ILE B 31 17.74 23.83 -4.58
C ILE B 31 17.17 23.88 -3.17
N ALA B 32 16.40 22.86 -2.82
CA ALA B 32 15.91 22.68 -1.46
C ALA B 32 15.93 21.20 -1.09
N ASP B 33 16.03 20.93 0.22
CA ASP B 33 15.97 19.59 0.77
C ASP B 33 17.04 18.65 0.18
N PHE B 34 18.26 19.17 0.08
CA PHE B 34 19.35 18.45 -0.56
C PHE B 34 20.67 18.75 0.13
N ASN B 35 21.28 17.70 0.67
CA ASN B 35 22.63 17.75 1.19
C ASN B 35 23.43 16.61 0.57
N LEU B 36 24.59 16.96 0.00
CA LEU B 36 25.38 15.98 -0.75
C LEU B 36 25.86 14.83 0.13
N LYS B 37 26.56 15.15 1.21
CA LYS B 37 27.07 14.13 2.13
C LYS B 37 25.96 13.19 2.62
N GLU B 38 24.84 13.76 3.04
CA GLU B 38 23.74 12.96 3.57
C GLU B 38 23.11 12.03 2.52
N THR B 39 22.95 12.53 1.31
CA THR B 39 22.41 11.73 0.22
C THR B 39 23.41 10.62 -0.13
N PHE B 40 24.65 11.00 -0.43
CA PHE B 40 25.66 10.05 -0.91
C PHE B 40 26.15 9.03 0.13
N GLU B 41 25.94 9.31 1.41
CA GLU B 41 26.37 8.38 2.45
C GLU B 41 25.21 7.72 3.22
N SER B 42 24.02 7.76 2.62
CA SER B 42 22.80 7.21 3.21
C SER B 42 22.72 5.68 3.18
N GLY B 43 23.51 5.06 2.32
CA GLY B 43 23.48 3.62 2.12
C GLY B 43 22.93 3.18 0.78
N GLN B 44 22.45 4.14 -0.01
CA GLN B 44 21.87 3.81 -1.31
C GLN B 44 22.89 3.61 -2.44
N CYS B 45 24.06 4.24 -2.31
CA CYS B 45 24.99 4.32 -3.45
C CYS B 45 26.46 4.11 -3.07
N PHE B 46 27.29 3.92 -4.08
CA PHE B 46 28.66 3.45 -3.86
C PHE B 46 29.74 4.16 -4.67
N ARG B 47 29.35 4.90 -5.71
CA ARG B 47 30.35 5.45 -6.63
C ARG B 47 30.53 6.98 -6.55
N TRP B 48 29.98 7.59 -5.51
CA TRP B 48 30.17 9.02 -5.26
C TRP B 48 31.18 9.24 -4.14
N ASN B 49 32.20 10.05 -4.42
CA ASN B 49 33.28 10.25 -3.46
C ASN B 49 33.55 11.72 -3.15
N GLU B 50 33.79 11.99 -1.87
CA GLU B 50 33.94 13.33 -1.37
C GLU B 50 35.28 13.94 -1.80
N GLU B 51 35.20 15.16 -2.34
CA GLU B 51 36.40 15.93 -2.64
C GLU B 51 36.69 16.88 -1.48
N GLU B 52 37.89 17.48 -1.49
CA GLU B 52 38.32 18.34 -0.39
C GLU B 52 37.52 19.65 -0.26
N ASP B 53 36.97 20.11 -1.38
CA ASP B 53 36.14 21.33 -1.37
C ASP B 53 34.68 21.05 -0.98
N GLY B 54 34.39 19.83 -0.55
CA GLY B 54 33.04 19.46 -0.14
C GLY B 54 32.16 18.97 -1.29
N SER B 55 32.67 19.07 -2.53
CA SER B 55 31.98 18.53 -3.70
C SER B 55 32.09 17.00 -3.72
N TYR B 56 31.34 16.37 -4.61
CA TYR B 56 31.40 14.92 -4.79
C TYR B 56 31.53 14.60 -6.27
N THR B 57 32.51 13.75 -6.60
CA THR B 57 32.70 13.27 -7.97
C THR B 57 32.14 11.87 -8.05
N GLY B 58 31.28 11.65 -9.05
CA GLY B 58 30.65 10.36 -9.21
C GLY B 58 30.60 9.89 -10.65
N VAL B 59 30.46 8.59 -10.81
CA VAL B 59 30.31 7.98 -12.12
C VAL B 59 28.99 7.23 -12.13
N ALA B 60 28.12 7.63 -13.05
CA ALA B 60 26.79 7.04 -13.20
C ALA B 60 26.31 7.25 -14.63
N TYR B 61 25.55 6.30 -15.16
CA TYR B 61 24.98 6.42 -16.52
C TYR B 61 26.05 6.76 -17.55
N ASP B 62 27.19 6.08 -17.45
CA ASP B 62 28.30 6.23 -18.39
C ASP B 62 28.87 7.66 -18.43
N ARG B 63 28.68 8.41 -17.35
CA ARG B 63 29.21 9.76 -17.26
C ARG B 63 29.96 9.95 -15.95
N VAL B 64 30.93 10.85 -15.95
CA VAL B 64 31.54 11.32 -14.71
C VAL B 64 31.25 12.81 -14.54
N VAL B 65 30.70 13.16 -13.39
CA VAL B 65 30.41 14.57 -13.08
C VAL B 65 30.88 14.89 -11.66
N ASN B 66 31.03 16.19 -11.39
CA ASN B 66 31.29 16.67 -10.04
C ASN B 66 30.14 17.56 -9.61
N VAL B 67 29.55 17.25 -8.45
CA VAL B 67 28.44 18.03 -7.93
C VAL B 67 28.87 18.82 -6.69
N LYS B 68 28.54 20.10 -6.69
CA LYS B 68 28.89 20.98 -5.57
C LYS B 68 27.66 21.82 -5.18
N LEU B 69 27.39 21.88 -3.89
CA LEU B 69 26.26 22.65 -3.40
C LEU B 69 26.73 23.88 -2.63
N GLU B 70 26.36 25.06 -3.13
CA GLU B 70 26.63 26.32 -2.45
C GLU B 70 25.32 27.05 -2.18
N GLY B 71 24.89 27.05 -0.93
CA GLY B 71 23.61 27.67 -0.55
C GLY B 71 22.45 26.92 -1.17
N ASP B 72 21.68 27.61 -2.01
CA ASP B 72 20.58 27.00 -2.75
C ASP B 72 20.95 26.77 -4.22
N THR B 73 22.26 26.75 -4.50
CA THR B 73 22.75 26.61 -5.87
C THR B 73 23.55 25.32 -6.04
N LEU B 74 23.09 24.48 -6.97
CA LEU B 74 23.81 23.27 -7.35
C LEU B 74 24.67 23.53 -8.59
N ILE B 75 25.94 23.20 -8.49
CA ILE B 75 26.87 23.31 -9.61
C ILE B 75 27.29 21.90 -10.02
N ILE B 76 26.95 21.54 -11.25
CA ILE B 76 27.34 20.25 -11.79
C ILE B 76 28.38 20.47 -12.87
N ASP B 77 29.63 20.12 -12.55
CA ASP B 77 30.72 20.26 -13.50
C ASP B 77 30.86 19.03 -14.41
N ASN B 78 31.34 19.27 -15.63
CA ASN B 78 31.58 18.24 -16.66
C ASN B 78 30.29 17.71 -17.27
N THR B 79 29.35 18.61 -17.53
CA THR B 79 28.07 18.23 -18.13
C THR B 79 27.55 19.32 -19.07
N ASN B 80 26.39 19.05 -19.68
CA ASN B 80 25.70 20.01 -20.54
C ASN B 80 24.22 19.97 -20.24
N LEU B 81 23.45 20.86 -20.87
CA LEU B 81 22.03 20.95 -20.62
C LEU B 81 21.28 19.66 -21.00
N THR B 82 21.72 19.05 -22.09
CA THR B 82 21.15 17.78 -22.56
C THR B 82 21.21 16.72 -21.47
N ASP B 83 22.43 16.41 -21.00
CA ASP B 83 22.64 15.42 -19.95
C ASP B 83 21.90 15.78 -18.67
N PHE B 84 21.81 17.07 -18.35
CA PHE B 84 21.11 17.49 -17.14
C PHE B 84 19.65 17.05 -17.16
N TYR B 85 18.94 17.34 -18.25
CA TYR B 85 17.53 16.96 -18.35
C TYR B 85 17.33 15.47 -18.63
N ASP B 86 18.21 14.88 -19.44
CA ASP B 86 18.10 13.47 -19.80
CA ASP B 86 18.13 13.46 -19.80
C ASP B 86 18.52 12.53 -18.66
N ILE B 87 19.51 12.95 -17.87
CA ILE B 87 20.07 12.08 -16.82
C ILE B 87 19.95 12.64 -15.39
N TRP B 88 20.54 13.81 -15.15
CA TRP B 88 20.80 14.27 -13.78
C TRP B 88 19.59 14.77 -13.01
N PHE B 89 18.65 15.40 -13.71
CA PHE B 89 17.40 15.85 -13.09
C PHE B 89 16.70 14.71 -12.36
N ASP B 90 16.47 13.60 -13.06
CA ASP B 90 15.84 12.42 -12.47
C ASP B 90 16.74 11.70 -11.48
N TYR B 91 18.03 11.64 -11.79
CA TYR B 91 19.00 10.94 -10.95
C TYR B 91 19.00 11.49 -9.53
N PHE B 92 19.03 12.81 -9.41
CA PHE B 92 18.98 13.47 -8.10
C PHE B 92 17.53 13.74 -7.65
N ASP B 93 16.58 13.14 -8.35
CA ASP B 93 15.14 13.27 -8.03
C ASP B 93 14.73 14.72 -7.78
N LEU B 94 15.14 15.61 -8.69
CA LEU B 94 14.97 17.05 -8.49
C LEU B 94 13.54 17.56 -8.65
N GLY B 95 12.68 16.72 -9.24
CA GLY B 95 11.28 17.07 -9.43
C GLY B 95 10.44 16.94 -8.17
N ARG B 96 10.89 16.12 -7.23
CA ARG B 96 10.15 15.84 -6.01
C ARG B 96 10.35 16.94 -4.97
N ASP B 97 9.26 17.32 -4.30
CA ASP B 97 9.32 18.27 -3.20
C ASP B 97 9.45 17.49 -1.90
N TYR B 98 10.68 17.38 -1.41
CA TYR B 98 10.97 16.63 -0.19
C TYR B 98 10.52 17.38 1.07
N GLY B 99 10.37 18.70 0.95
CA GLY B 99 9.79 19.52 2.02
C GLY B 99 8.40 19.02 2.39
N GLN B 100 7.57 18.82 1.37
CA GLN B 100 6.22 18.25 1.54
C GLN B 100 6.28 16.85 2.17
N ILE B 101 7.26 16.05 1.75
CA ILE B 101 7.47 14.70 2.29
C ILE B 101 7.90 14.75 3.76
N LYS B 102 8.82 15.66 4.08
CA LYS B 102 9.33 15.78 5.45
C LYS B 102 8.25 16.21 6.43
N GLU B 103 7.49 17.25 6.07
CA GLU B 103 6.43 17.75 6.96
C GLU B 103 5.33 16.72 7.20
N SER B 104 4.96 15.99 6.14
CA SER B 104 3.99 14.91 6.24
C SER B 104 4.50 13.77 7.12
N LEU B 105 5.78 13.44 6.99
CA LEU B 105 6.40 12.43 7.85
C LEU B 105 6.61 12.91 9.28
N SER B 106 6.71 14.23 9.46
CA SER B 106 6.97 14.84 10.76
C SER B 106 5.76 14.88 11.71
N LYS B 107 4.60 14.41 11.23
CA LYS B 107 3.44 14.19 12.11
C LYS B 107 3.79 13.08 13.08
N ASP B 108 4.67 12.18 12.62
CA ASP B 108 5.27 11.15 13.47
C ASP B 108 6.47 11.76 14.21
N PRO B 109 6.39 11.84 15.55
CA PRO B 109 7.44 12.44 16.39
C PRO B 109 8.81 11.76 16.25
N VAL B 110 8.81 10.44 16.05
CA VAL B 110 10.05 9.68 15.88
C VAL B 110 10.76 10.09 14.58
N LEU B 111 9.96 10.38 13.54
CA LEU B 111 10.51 10.84 12.27
C LEU B 111 10.89 12.32 12.31
N LYS B 112 10.08 13.13 12.98
CA LYS B 112 10.37 14.55 13.16
C LYS B 112 11.75 14.73 13.79
N GLU B 113 12.02 13.92 14.82
CA GLU B 113 13.30 13.87 15.53
C GLU B 113 14.46 13.53 14.58
N ALA B 114 14.28 12.46 13.79
CA ALA B 114 15.31 11.94 12.90
C ALA B 114 15.59 12.86 11.72
N ILE B 115 14.54 13.53 11.24
CA ILE B 115 14.60 14.34 10.02
C ILE B 115 15.58 15.51 10.10
N LYS B 116 15.67 16.17 11.26
CA LYS B 116 16.60 17.30 11.39
C LYS B 116 18.07 16.92 11.20
N PHE B 117 18.39 15.64 11.40
CA PHE B 117 19.73 15.10 11.16
C PHE B 117 19.91 14.53 9.76
N GLY B 118 18.83 14.49 8.98
CA GLY B 118 18.86 13.97 7.61
C GLY B 118 18.03 14.77 6.64
N GLN B 119 17.94 16.08 6.90
CA GLN B 119 17.13 17.02 6.11
C GLN B 119 17.36 16.96 4.60
N GLY B 120 18.60 16.66 4.21
CA GLY B 120 18.99 16.74 2.82
C GLY B 120 19.12 15.43 2.06
N ILE B 121 18.60 14.34 2.63
CA ILE B 121 18.60 13.05 1.94
C ILE B 121 17.55 13.03 0.83
N ARG B 122 18.00 12.80 -0.40
CA ARG B 122 17.10 12.53 -1.52
C ARG B 122 17.35 11.08 -1.96
N ILE B 123 16.32 10.45 -2.52
CA ILE B 123 16.49 9.10 -3.04
C ILE B 123 16.85 9.20 -4.51
N LEU B 124 18.07 8.77 -4.81
CA LEU B 124 18.56 8.80 -6.18
C LEU B 124 17.78 7.80 -7.02
N ARG B 125 17.58 8.14 -8.29
CA ARG B 125 17.00 7.20 -9.25
C ARG B 125 18.15 6.64 -10.07
N GLN B 126 18.69 5.52 -9.61
CA GLN B 126 19.88 4.94 -10.22
C GLN B 126 19.53 3.94 -11.31
N ASP B 127 20.50 3.65 -12.17
CA ASP B 127 20.35 2.67 -13.23
C ASP B 127 20.05 1.28 -12.64
N THR B 128 19.08 0.59 -13.24
CA THR B 128 18.63 -0.71 -12.72
C THR B 128 19.75 -1.76 -12.68
N TRP B 129 20.47 -1.92 -13.80
CA TRP B 129 21.56 -2.90 -13.83
C TRP B 129 22.60 -2.63 -12.75
N GLU B 130 23.13 -1.40 -12.72
CA GLU B 130 24.17 -1.07 -11.76
C GLU B 130 23.71 -1.29 -10.32
N THR B 131 22.49 -0.85 -10.02
CA THR B 131 21.91 -1.02 -8.69
C THR B 131 21.82 -2.51 -8.36
N LEU B 132 21.32 -3.31 -9.30
CA LEU B 132 21.21 -4.76 -9.12
C LEU B 132 22.54 -5.41 -8.76
N VAL B 133 23.57 -5.18 -9.56
CA VAL B 133 24.88 -5.78 -9.30
C VAL B 133 25.50 -5.25 -8.00
N SER B 134 25.40 -3.94 -7.79
CA SER B 134 25.97 -3.32 -6.59
C SER B 134 25.46 -3.96 -5.31
N PHE B 135 24.15 -4.18 -5.23
CA PHE B 135 23.58 -4.80 -4.02
C PHE B 135 23.76 -6.31 -3.96
N ILE B 136 23.90 -6.95 -5.11
CA ILE B 136 24.42 -8.33 -5.15
C ILE B 136 25.78 -8.37 -4.46
N VAL B 137 26.67 -7.45 -4.83
CA VAL B 137 28.00 -7.36 -4.23
C VAL B 137 27.92 -7.03 -2.73
N SER B 138 26.88 -6.31 -2.32
CA SER B 138 26.77 -5.82 -0.95
C SER B 138 26.46 -6.88 0.12
N GLN B 139 25.85 -8.00 -0.29
CA GLN B 139 25.40 -9.02 0.67
C GLN B 139 26.52 -9.57 1.56
N ASN B 140 26.26 -9.60 2.86
CA ASN B 140 27.21 -10.10 3.85
C ASN B 140 28.60 -9.48 3.69
N ASN B 141 28.64 -8.16 3.66
CA ASN B 141 29.85 -7.41 3.32
C ASN B 141 29.82 -6.00 3.90
N ARG B 142 30.99 -5.43 4.15
CA ARG B 142 31.10 -4.07 4.67
C ARG B 142 31.27 -3.05 3.53
N ILE B 143 30.78 -1.83 3.76
CA ILE B 143 30.74 -0.77 2.74
C ILE B 143 32.11 -0.47 2.06
N PRO B 144 33.19 -0.31 2.85
CA PRO B 144 34.49 -0.06 2.23
C PRO B 144 34.92 -1.15 1.24
N GLN B 145 34.73 -2.41 1.60
CA GLN B 145 35.02 -3.53 0.70
C GLN B 145 34.08 -3.53 -0.50
N ILE B 146 32.79 -3.27 -0.26
CA ILE B 146 31.78 -3.19 -1.32
C ILE B 146 32.18 -2.17 -2.39
N LYS B 147 32.63 -0.99 -1.93
CA LYS B 147 33.06 0.08 -2.81
C LYS B 147 34.29 -0.32 -3.62
N LYS B 148 35.22 -1.02 -2.97
CA LYS B 148 36.42 -1.51 -3.66
C LYS B 148 36.09 -2.50 -4.77
N VAL B 149 35.18 -3.44 -4.48
CA VAL B 149 34.78 -4.44 -5.48
C VAL B 149 34.04 -3.80 -6.66
N ILE B 150 33.12 -2.88 -6.35
CA ILE B 150 32.41 -2.14 -7.41
C ILE B 150 33.39 -1.37 -8.30
N GLU B 151 34.36 -0.68 -7.69
CA GLU B 151 35.38 0.03 -8.46
C GLU B 151 36.28 -0.91 -9.27
N ASN B 152 36.58 -2.09 -8.72
CA ASN B 152 37.31 -3.13 -9.46
C ASN B 152 36.53 -3.63 -10.67
N LEU B 153 35.21 -3.81 -10.51
CA LEU B 153 34.36 -4.23 -11.63
C LEU B 153 34.39 -3.20 -12.74
N ALA B 154 34.41 -1.91 -12.36
CA ALA B 154 34.48 -0.82 -13.32
C ALA B 154 35.84 -0.77 -14.01
N THR B 155 36.91 -0.78 -13.23
CA THR B 155 38.27 -0.77 -13.75
C THR B 155 38.54 -1.95 -14.68
N SER B 156 38.12 -3.15 -14.26
CA SER B 156 38.40 -4.38 -15.02
C SER B 156 37.54 -4.57 -16.27
N PHE B 157 36.28 -4.15 -16.20
CA PHE B 157 35.33 -4.50 -17.26
C PHE B 157 34.65 -3.31 -17.93
N GLY B 158 34.74 -2.13 -17.32
CA GLY B 158 34.06 -0.93 -17.84
C GLY B 158 34.88 -0.13 -18.84
N ASN B 159 34.34 1.02 -19.25
CA ASN B 159 34.95 1.86 -20.27
C ASN B 159 35.59 3.13 -19.69
N PRO B 160 36.80 3.48 -20.17
CA PRO B 160 37.51 4.67 -19.68
C PRO B 160 36.88 5.99 -20.13
N ILE B 161 36.69 6.90 -19.17
CA ILE B 161 36.26 8.27 -19.44
C ILE B 161 37.13 9.22 -18.61
N GLU B 162 37.37 10.42 -19.12
CA GLU B 162 38.36 11.32 -18.53
C GLU B 162 37.73 12.58 -17.92
N TYR B 163 38.26 13.00 -16.78
CA TYR B 163 37.84 14.23 -16.11
C TYR B 163 38.95 14.83 -15.27
N LYS B 164 39.35 16.05 -15.63
CA LYS B 164 40.47 16.77 -15.00
C LYS B 164 41.76 15.95 -14.93
N GLY B 165 42.08 15.26 -16.02
CA GLY B 165 43.32 14.47 -16.10
C GLY B 165 43.26 13.09 -15.47
N LYS B 166 42.13 12.76 -14.83
CA LYS B 166 41.95 11.45 -14.22
C LYS B 166 41.02 10.59 -15.08
N ILE B 167 41.38 9.32 -15.23
CA ILE B 167 40.58 8.35 -15.96
C ILE B 167 39.65 7.61 -14.99
N TYR B 168 38.35 7.74 -15.24
CA TYR B 168 37.33 7.02 -14.50
C TYR B 168 36.78 5.92 -15.39
N TYR B 169 36.14 4.93 -14.79
CA TYR B 169 35.59 3.82 -15.54
C TYR B 169 34.09 3.65 -15.34
N THR B 170 33.37 3.54 -16.45
CA THR B 170 31.92 3.29 -16.44
C THR B 170 31.65 1.94 -15.79
N PHE B 171 30.45 1.79 -15.23
CA PHE B 171 30.05 0.51 -14.69
C PHE B 171 29.74 -0.48 -15.83
N PRO B 172 30.33 -1.70 -15.77
CA PRO B 172 30.16 -2.65 -16.86
C PRO B 172 28.71 -3.11 -17.09
N LYS B 173 28.29 -3.12 -18.35
CA LYS B 173 26.98 -3.60 -18.76
C LYS B 173 26.97 -5.13 -18.83
N PRO B 174 25.78 -5.76 -18.87
CA PRO B 174 25.73 -7.22 -19.00
C PRO B 174 26.56 -7.72 -20.19
N GLU B 175 26.44 -7.03 -21.33
CA GLU B 175 27.19 -7.40 -22.54
C GLU B 175 28.71 -7.29 -22.38
N GLU B 176 29.15 -6.49 -21.41
CA GLU B 176 30.56 -6.31 -21.11
C GLU B 176 31.08 -7.30 -20.06
N LEU B 177 30.18 -8.15 -19.55
CA LEU B 177 30.53 -9.13 -18.53
C LEU B 177 30.34 -10.60 -18.94
N VAL B 178 29.44 -10.86 -19.88
CA VAL B 178 28.99 -12.23 -20.19
C VAL B 178 30.06 -13.19 -20.77
N MET B 179 31.12 -12.64 -21.33
CA MET B 179 32.16 -13.46 -21.95
C MET B 179 33.11 -14.11 -20.93
N TYR B 180 33.12 -13.59 -19.71
CA TYR B 180 34.08 -14.03 -18.70
C TYR B 180 33.52 -15.12 -17.79
N ASP B 181 34.39 -16.02 -17.36
CA ASP B 181 34.01 -17.08 -16.41
C ASP B 181 33.94 -16.55 -14.97
N VAL B 182 33.37 -17.36 -14.09
CA VAL B 182 33.24 -16.99 -12.68
C VAL B 182 34.60 -16.64 -12.05
N GLU B 183 35.62 -17.41 -12.41
CA GLU B 183 36.99 -17.21 -11.90
C GLU B 183 37.54 -15.81 -12.21
N THR B 184 37.29 -15.32 -13.42
CA THR B 184 37.76 -14.00 -13.84
C THR B 184 37.02 -12.87 -13.08
N ILE B 185 35.71 -13.00 -12.97
CA ILE B 185 34.89 -12.05 -12.22
C ILE B 185 35.37 -11.98 -10.77
N ALA B 186 35.73 -13.12 -10.21
CA ALA B 186 36.14 -13.24 -8.81
C ALA B 186 37.44 -12.49 -8.47
N LYS B 187 38.22 -12.15 -9.50
CA LYS B 187 39.43 -11.34 -9.34
C LYS B 187 39.15 -9.90 -8.94
N THR B 188 37.89 -9.48 -9.05
CA THR B 188 37.45 -8.18 -8.51
C THR B 188 37.32 -8.25 -6.99
N ARG B 189 37.59 -9.43 -6.45
CA ARG B 189 37.58 -9.71 -5.00
C ARG B 189 36.16 -9.77 -4.44
N CYS B 190 35.19 -10.10 -5.29
CA CYS B 190 33.78 -10.21 -4.88
C CYS B 190 33.47 -11.54 -4.19
N GLY B 191 34.47 -12.41 -4.11
CA GLY B 191 34.34 -13.67 -3.37
C GLY B 191 33.32 -14.62 -3.96
N PHE B 192 32.51 -15.23 -3.09
CA PHE B 192 31.47 -16.18 -3.50
C PHE B 192 30.36 -15.54 -4.32
N ARG B 193 30.34 -14.22 -4.38
CA ARG B 193 29.31 -13.47 -5.11
C ARG B 193 29.56 -13.44 -6.62
N ALA B 194 30.75 -13.89 -7.05
CA ALA B 194 31.09 -13.94 -8.47
C ALA B 194 30.10 -14.75 -9.30
N LYS B 195 29.64 -15.87 -8.76
CA LYS B 195 28.66 -16.72 -9.46
C LYS B 195 27.29 -16.04 -9.54
N TYR B 196 27.02 -15.14 -8.60
CA TYR B 196 25.79 -14.35 -8.64
C TYR B 196 25.83 -13.30 -9.75
N ILE B 197 26.96 -12.58 -9.86
CA ILE B 197 27.17 -11.61 -10.94
C ILE B 197 27.13 -12.30 -12.31
N PHE B 198 27.72 -13.50 -12.37
CA PHE B 198 27.70 -14.32 -13.59
C PHE B 198 26.26 -14.62 -14.02
N ASP B 199 25.45 -15.09 -13.07
CA ASP B 199 24.06 -15.43 -13.35
C ASP B 199 23.24 -14.20 -13.74
N ALA B 200 23.43 -13.11 -13.00
CA ALA B 200 22.74 -11.85 -13.28
C ALA B 200 23.00 -11.39 -14.71
N ALA B 201 24.28 -11.39 -15.09
CA ALA B 201 24.69 -10.95 -16.43
C ALA B 201 24.12 -11.85 -17.52
N SER B 202 24.14 -13.16 -17.28
CA SER B 202 23.60 -14.13 -18.23
C SER B 202 22.10 -13.92 -18.46
N LYS B 203 21.33 -13.87 -17.37
CA LYS B 203 19.87 -13.70 -17.47
C LYS B 203 19.43 -12.40 -18.15
N VAL B 204 20.16 -11.31 -17.91
CA VAL B 204 19.79 -10.01 -18.50
C VAL B 204 20.23 -9.93 -19.96
N PHE B 205 21.49 -10.27 -20.23
CA PHE B 205 22.03 -10.25 -21.59
C PHE B 205 21.25 -11.17 -22.53
N SER B 206 20.76 -12.30 -22.00
CA SER B 206 19.99 -13.25 -22.82
C SER B 206 18.53 -12.82 -23.02
N GLY B 207 18.12 -11.78 -22.30
CA GLY B 207 16.77 -11.26 -22.42
C GLY B 207 15.75 -12.06 -21.62
N GLU B 208 16.22 -12.98 -20.78
CA GLU B 208 15.35 -13.71 -19.86
C GLU B 208 14.73 -12.76 -18.85
N ILE B 209 15.51 -11.77 -18.43
CA ILE B 209 15.01 -10.66 -17.61
C ILE B 209 15.20 -9.37 -18.39
N ASN B 210 14.08 -8.68 -18.66
CA ASN B 210 14.10 -7.40 -19.36
C ASN B 210 14.01 -6.26 -18.36
N LEU B 211 15.12 -5.57 -18.18
CA LEU B 211 15.19 -4.48 -17.20
C LEU B 211 14.38 -3.25 -17.63
N LEU B 212 14.29 -3.02 -18.94
CA LEU B 212 13.52 -1.91 -19.49
C LEU B 212 12.02 -2.04 -19.23
N LYS B 213 11.50 -3.26 -19.36
CA LYS B 213 10.07 -3.54 -19.19
C LYS B 213 9.67 -3.73 -17.73
N LEU B 214 10.64 -3.79 -16.83
CA LEU B 214 10.40 -4.08 -15.43
C LEU B 214 9.40 -3.14 -14.74
N HIS B 215 9.44 -1.86 -15.08
CA HIS B 215 8.56 -0.85 -14.48
C HIS B 215 7.08 -1.05 -14.84
N GLU B 216 6.81 -1.90 -15.84
CA GLU B 216 5.45 -2.19 -16.30
C GLU B 216 4.74 -3.21 -15.42
N TYR B 217 5.49 -3.85 -14.53
CA TYR B 217 4.93 -4.86 -13.63
C TYR B 217 4.67 -4.29 -12.23
N SER B 218 3.92 -5.02 -11.43
CA SER B 218 3.70 -4.65 -10.03
C SER B 218 4.97 -4.95 -9.22
N THR B 219 5.05 -4.34 -8.04
CA THR B 219 6.18 -4.55 -7.13
C THR B 219 6.43 -6.03 -6.83
N SER B 220 5.38 -6.76 -6.47
CA SER B 220 5.47 -8.19 -6.16
C SER B 220 5.96 -9.00 -7.36
N GLU B 221 5.53 -8.61 -8.55
CA GLU B 221 5.96 -9.24 -9.80
C GLU B 221 7.44 -8.98 -10.10
N ILE B 222 7.88 -7.73 -9.89
CA ILE B 222 9.29 -7.36 -10.06
C ILE B 222 10.17 -8.14 -9.10
N ARG B 223 9.74 -8.22 -7.84
CA ARG B 223 10.41 -9.01 -6.82
C ARG B 223 10.67 -10.45 -7.25
N ASP B 224 9.65 -11.11 -7.80
CA ASP B 224 9.76 -12.50 -8.21
C ASP B 224 10.71 -12.67 -9.40
N ILE B 225 10.61 -11.77 -10.37
CA ILE B 225 11.48 -11.74 -11.55
C ILE B 225 12.96 -11.63 -11.14
N LEU B 226 13.28 -10.60 -10.36
CA LEU B 226 14.67 -10.37 -9.92
C LEU B 226 15.22 -11.54 -9.10
N MET B 227 14.38 -12.09 -8.24
CA MET B 227 14.78 -13.20 -7.35
C MET B 227 15.03 -14.54 -8.06
N THR B 228 14.74 -14.62 -9.35
CA THR B 228 15.09 -15.81 -10.13
C THR B 228 16.61 -15.89 -10.33
N ILE B 229 17.29 -14.76 -10.20
CA ILE B 229 18.76 -14.68 -10.27
C ILE B 229 19.38 -15.31 -9.02
N ASN B 230 20.36 -16.19 -9.21
CA ASN B 230 21.08 -16.77 -8.08
C ASN B 230 21.83 -15.67 -7.34
N GLY B 231 21.56 -15.53 -6.05
CA GLY B 231 22.19 -14.50 -5.25
C GLY B 231 21.35 -13.25 -5.01
N VAL B 232 20.17 -13.21 -5.62
CA VAL B 232 19.21 -12.13 -5.38
C VAL B 232 18.06 -12.65 -4.54
N GLY B 233 17.95 -12.12 -3.33
CA GLY B 233 16.85 -12.47 -2.44
C GLY B 233 15.92 -11.29 -2.24
N PRO B 234 15.16 -11.28 -1.13
CA PRO B 234 14.19 -10.22 -0.88
C PRO B 234 14.82 -8.83 -0.69
N LYS B 235 15.95 -8.76 0.02
CA LYS B 235 16.62 -7.48 0.30
C LYS B 235 17.18 -6.82 -0.95
N VAL B 236 17.94 -7.57 -1.75
CA VAL B 236 18.52 -7.04 -2.98
C VAL B 236 17.43 -6.59 -3.95
N ALA B 237 16.39 -7.43 -4.11
CA ALA B 237 15.27 -7.10 -4.99
C ALA B 237 14.58 -5.80 -4.56
N ASP B 238 14.31 -5.68 -3.26
CA ASP B 238 13.70 -4.48 -2.70
C ASP B 238 14.58 -3.25 -2.89
N CYS B 239 15.90 -3.45 -2.76
CA CYS B 239 16.86 -2.37 -3.00
C CYS B 239 16.79 -1.87 -4.43
N VAL B 240 16.70 -2.79 -5.38
CA VAL B 240 16.55 -2.44 -6.80
C VAL B 240 15.21 -1.73 -7.03
N ILE B 241 14.17 -2.22 -6.37
CA ILE B 241 12.83 -1.64 -6.50
C ILE B 241 12.77 -0.21 -5.96
N LEU B 242 13.39 0.04 -4.81
CA LEU B 242 13.39 1.39 -4.24
C LEU B 242 14.35 2.34 -4.95
N TYR B 243 15.61 1.93 -5.07
CA TYR B 243 16.67 2.82 -5.53
C TYR B 243 16.73 3.01 -7.04
N SER B 244 16.13 2.07 -7.78
CA SER B 244 16.13 2.15 -9.23
C SER B 244 14.74 2.30 -9.85
N ILE B 245 13.78 1.49 -9.40
CA ILE B 245 12.43 1.55 -9.96
C ILE B 245 11.65 2.74 -9.40
N GLY B 246 11.92 3.10 -8.14
CA GLY B 246 11.30 4.26 -7.52
C GLY B 246 9.92 3.99 -6.96
N ARG B 247 9.69 2.77 -6.49
CA ARG B 247 8.44 2.42 -5.82
C ARG B 247 8.58 2.73 -4.33
N TYR B 248 8.08 3.90 -3.94
CA TYR B 248 8.28 4.44 -2.60
C TYR B 248 7.40 3.82 -1.51
N ASP B 249 6.37 3.09 -1.93
CA ASP B 249 5.50 2.38 -0.99
C ASP B 249 6.12 1.06 -0.51
N THR B 250 7.46 1.02 -0.47
CA THR B 250 8.20 -0.14 0.02
C THR B 250 9.18 0.27 1.12
N PHE B 251 9.63 -0.71 1.90
CA PHE B 251 10.50 -0.48 3.04
C PHE B 251 11.55 -1.59 3.11
N PRO B 252 12.65 -1.47 2.34
CA PRO B 252 13.69 -2.49 2.32
C PRO B 252 14.22 -2.78 3.72
N THR B 253 14.32 -4.05 4.07
CA THR B 253 14.67 -4.46 5.42
C THR B 253 16.02 -5.16 5.49
N ASP B 254 17.05 -4.38 5.81
CA ASP B 254 18.35 -4.92 6.17
C ASP B 254 18.39 -5.17 7.68
N VAL B 255 19.55 -5.58 8.18
CA VAL B 255 19.72 -5.89 9.60
C VAL B 255 19.59 -4.65 10.50
N TRP B 256 20.11 -3.51 10.02
CA TRP B 256 20.10 -2.28 10.80
C TRP B 256 18.70 -1.68 10.95
N ILE B 257 17.98 -1.55 9.83
CA ILE B 257 16.64 -0.97 9.84
C ILE B 257 15.65 -1.90 10.56
N LYS B 258 15.97 -3.19 10.59
CA LYS B 258 15.23 -4.16 11.38
C LYS B 258 15.36 -3.80 12.87
N ARG B 259 16.59 -3.62 13.32
CA ARG B 259 16.88 -3.30 14.71
C ARG B 259 16.28 -1.97 15.17
N ILE B 260 16.32 -0.97 14.29
CA ILE B 260 15.83 0.38 14.59
C ILE B 260 14.30 0.42 14.77
N VAL B 261 13.58 -0.27 13.91
CA VAL B 261 12.11 -0.36 14.00
C VAL B 261 11.69 -1.23 15.19
N GLU B 262 12.45 -2.30 15.44
CA GLU B 262 12.25 -3.16 16.61
C GLU B 262 12.46 -2.41 17.92
N HIS B 263 13.09 -1.24 17.83
CA HIS B 263 13.46 -0.46 19.00
C HIS B 263 12.50 0.70 19.24
N LEU B 264 12.31 1.52 18.22
CA LEU B 264 11.57 2.77 18.35
C LEU B 264 10.06 2.66 18.13
N TYR B 265 9.60 1.51 17.66
CA TYR B 265 8.17 1.34 17.33
C TYR B 265 7.49 0.13 17.98
N LEU B 266 8.16 -1.03 17.95
CA LEU B 266 7.54 -2.28 18.42
C LEU B 266 7.94 -2.69 19.84
N LYS B 267 9.19 -2.40 20.22
CA LYS B 267 9.77 -2.83 21.50
C LYS B 267 10.06 -4.34 21.57
N ARG B 268 9.45 -5.11 20.67
CA ARG B 268 9.67 -6.56 20.60
C ARG B 268 10.19 -6.97 19.21
N GLU B 269 11.17 -7.86 19.20
CA GLU B 269 11.81 -8.34 17.97
C GLU B 269 10.84 -9.04 17.02
N GLY B 270 11.11 -8.94 15.72
CA GLY B 270 10.26 -9.54 14.70
C GLY B 270 10.95 -9.96 13.43
N THR B 271 10.19 -10.60 12.54
CA THR B 271 10.68 -11.04 11.23
C THR B 271 10.75 -9.86 10.25
N PRO B 272 11.76 -9.88 9.34
CA PRO B 272 11.90 -8.85 8.30
C PRO B 272 10.61 -8.55 7.53
N VAL B 273 9.72 -9.54 7.44
CA VAL B 273 8.44 -9.39 6.74
C VAL B 273 7.46 -8.49 7.52
N GLU B 274 7.35 -8.72 8.82
CA GLU B 274 6.40 -7.96 9.65
C GLU B 274 6.84 -6.52 9.94
N ILE B 275 8.15 -6.29 9.99
CA ILE B 275 8.71 -4.94 10.12
C ILE B 275 8.35 -4.11 8.89
N GLN B 276 8.47 -4.72 7.72
CA GLN B 276 8.14 -4.09 6.44
C GLN B 276 6.65 -3.77 6.32
N LEU B 277 5.81 -4.74 6.69
CA LEU B 277 4.35 -4.58 6.65
C LEU B 277 3.87 -3.51 7.64
N PHE B 278 4.51 -3.46 8.80
CA PHE B 278 4.25 -2.43 9.80
C PHE B 278 4.54 -1.04 9.25
N ALA B 279 5.68 -0.92 8.55
CA ALA B 279 6.13 0.35 8.02
C ALA B 279 5.29 0.82 6.83
N ILE B 280 5.00 -0.09 5.90
CA ILE B 280 4.17 0.23 4.73
C ILE B 280 2.78 0.74 5.14
N ASP B 281 2.18 0.08 6.13
CA ASP B 281 0.90 0.49 6.69
C ASP B 281 0.98 1.87 7.35
N LYS B 282 2.06 2.12 8.09
CA LYS B 282 2.25 3.37 8.82
C LYS B 282 2.65 4.56 7.94
N PHE B 283 3.49 4.31 6.93
CA PHE B 283 4.04 5.40 6.10
C PHE B 283 3.44 5.49 4.69
N GLY B 284 2.93 4.38 4.16
CA GLY B 284 2.28 4.37 2.85
C GLY B 284 3.24 4.60 1.69
N ASP B 285 2.87 5.49 0.78
CA ASP B 285 3.69 5.80 -0.39
C ASP B 285 4.89 6.71 -0.09
N LEU B 286 5.20 6.86 1.20
CA LEU B 286 6.36 7.61 1.66
C LEU B 286 7.29 6.73 2.51
N SER B 287 7.03 5.43 2.48
CA SER B 287 7.77 4.44 3.27
C SER B 287 9.27 4.42 2.96
N GLY B 288 9.61 4.58 1.68
CA GLY B 288 11.01 4.58 1.24
C GLY B 288 11.78 5.77 1.79
N PHE B 289 11.10 6.91 1.87
CA PHE B 289 11.70 8.14 2.41
C PHE B 289 11.90 8.05 3.91
N ALA B 290 10.90 7.51 4.61
CA ALA B 290 10.97 7.26 6.05
C ALA B 290 12.13 6.34 6.41
N GLN B 291 12.34 5.30 5.60
CA GLN B 291 13.46 4.37 5.77
C GLN B 291 14.80 5.11 5.76
N GLN B 292 14.95 6.03 4.80
CA GLN B 292 16.18 6.81 4.66
C GLN B 292 16.46 7.69 5.87
N TYR B 293 15.43 8.37 6.38
CA TYR B 293 15.57 9.23 7.57
C TYR B 293 15.89 8.42 8.83
N LEU B 294 15.21 7.28 8.98
CA LEU B 294 15.46 6.36 10.10
C LEU B 294 16.86 5.75 10.04
N PHE B 295 17.31 5.45 8.82
CA PHE B 295 18.66 4.93 8.56
C PHE B 295 19.75 5.82 9.14
N TYR B 296 19.91 6.98 8.52
CA TYR B 296 21.00 7.92 8.79
C TYR B 296 21.04 8.34 10.25
N TYR B 297 19.86 8.47 10.87
CA TYR B 297 19.75 8.82 12.28
C TYR B 297 20.17 7.64 13.17
N GLY B 298 19.65 6.45 12.86
CA GLY B 298 19.94 5.24 13.63
C GLY B 298 21.34 4.69 13.46
N ARG B 299 21.96 4.93 12.31
CA ARG B 299 23.30 4.42 12.01
C ARG B 299 24.37 5.05 12.90
N GLU B 300 24.35 6.38 13.00
CA GLU B 300 25.25 7.11 13.90
C GLU B 300 24.60 7.32 15.27
N MET B 301 24.17 6.21 15.86
CA MET B 301 23.48 6.19 17.15
C MET B 301 23.73 4.85 17.83
N GLY B 302 24.56 4.02 17.21
CA GLY B 302 24.89 2.69 17.72
C GLY B 302 24.55 1.58 16.75
O5' 3DR C 9 -14.28 -13.28 16.17
O5' 3DR C 9 -13.79 -10.70 16.11
P 3DR C 9 -13.50 -11.92 16.50
P 3DR C 9 -12.59 -11.01 17.15
OP1 3DR C 9 -13.92 -11.48 17.89
OP1 3DR C 9 -11.57 -9.93 16.98
OP2 3DR C 9 -13.67 -10.97 15.34
OP2 3DR C 9 -13.20 -11.27 18.52
C2' 3DR C 9 -14.71 -16.32 16.80
C2' 3DR C 9 -14.73 -11.48 12.21
C5' 3DR C 9 -14.73 -13.59 14.85
C5' 3DR C 9 -14.85 -11.65 15.94
C4' 3DR C 9 -14.95 -15.09 14.72
C4' 3DR C 9 -15.43 -11.58 14.53
O4' 3DR C 9 -13.69 -15.76 14.73
O4' 3DR C 9 -15.56 -10.23 14.07
C1' 3DR C 9 -13.57 -16.65 15.84
C1' 3DR C 9 -15.32 -10.15 12.67
C3' 3DR C 9 -15.73 -15.65 15.91
C3' 3DR C 9 -14.58 -12.31 13.48
O3' 3DR C 9 -16.62 -16.66 15.45
O3' 3DR C 9 -14.94 -13.68 13.23
O5' 3DR E 9 25.61 -5.12 7.26
P 3DR E 9 26.87 -4.36 7.91
OP1 3DR E 9 27.21 -3.16 7.04
OP2 3DR E 9 26.61 -4.15 9.38
C2' 3DR E 9 23.98 -8.38 7.62
C5' 3DR E 9 25.66 -5.68 5.94
C4' 3DR E 9 24.81 -6.94 5.84
O4' 3DR E 9 25.62 -8.12 5.91
C1' 3DR E 9 25.09 -9.06 6.86
C3' 3DR E 9 23.78 -7.03 6.95
O3' 3DR E 9 22.45 -6.80 6.46
NA NA G . -21.31 -24.20 2.87
NA NA H . 17.56 -15.99 -6.00
#